data_3OBZ
#
_entry.id   3OBZ
#
_cell.length_a   92.366
_cell.length_b   92.366
_cell.length_c   81.754
_cell.angle_alpha   90.000
_cell.angle_beta   90.000
_cell.angle_gamma   120.000
#
_symmetry.space_group_name_H-M   'P 31 2 1'
#
loop_
_entity.id
_entity.type
_entity.pdbx_description
1 polymer 'Phytanoyl-CoA dioxygenase domain-containing protein 1'
2 non-polymer '2-OXOGLUTARIC ACID'
3 non-polymer 'FE (II) ION'
4 water water
#
_entity_poly.entity_id   1
_entity_poly.type   'polypeptide(L)'
_entity_poly.pdbx_seq_one_letter_code
;MACLSPSQLQKFQQDGFLVLEGFLSAEECVAMQQRIGEIVAEMDVPLHCRTEFSTQEEEQLRAQGSTDYFLSSGDKIRFF
FEKGVFDEKGNFLVPPEKSINKIGHALHAHDPVFKSITHSFKVQTLARSLGLQMPVVVQSMYIFKQPHFGGEVSPHQDAS
FLYTEPLGRVLGVWIAVEDATLENGCLWFIPGSHTSGVSRRMVRAPVGSAPGTSFLGSEPARDNSLFVPTPVQRGALVLI
HGEVVHKSKQNLSDRSRQAYTFHLMEASGTTWSPENWLQPTAELPFPQLYT
;
_entity_poly.pdbx_strand_id   A
#
loop_
_chem_comp.id
_chem_comp.type
_chem_comp.name
_chem_comp.formula
AKG non-polymer '2-OXOGLUTARIC ACID' 'C5 H6 O5'
FE2 non-polymer 'FE (II) ION' 'Fe 2'
#
# COMPACT_ATOMS: atom_id res chain seq x y z
N ALA A 2 3.38 3.13 -21.17
CA ALA A 2 1.95 2.72 -21.26
C ALA A 2 1.84 1.21 -21.49
N CYS A 3 1.99 0.77 -22.74
CA CYS A 3 1.91 -0.65 -23.05
C CYS A 3 3.27 -1.33 -22.92
N LEU A 4 3.26 -2.53 -22.37
CA LEU A 4 4.47 -3.31 -22.16
C LEU A 4 4.87 -4.09 -23.41
N SER A 5 6.17 -4.17 -23.67
CA SER A 5 6.68 -4.91 -24.81
C SER A 5 6.69 -6.39 -24.45
N PRO A 6 6.65 -7.28 -25.46
CA PRO A 6 6.66 -8.72 -25.22
C PRO A 6 7.76 -9.10 -24.23
N SER A 7 8.90 -8.43 -24.34
CA SER A 7 10.06 -8.67 -23.48
C SER A 7 9.80 -8.35 -22.00
N GLN A 8 9.39 -7.12 -21.74
CA GLN A 8 9.11 -6.70 -20.37
C GLN A 8 8.01 -7.58 -19.79
N LEU A 9 7.06 -7.92 -20.64
CA LEU A 9 5.93 -8.75 -20.28
C LEU A 9 6.41 -10.12 -19.78
N GLN A 10 7.46 -10.62 -20.41
CA GLN A 10 8.03 -11.92 -20.06
C GLN A 10 8.79 -11.80 -18.75
N LYS A 11 9.57 -10.74 -18.61
CA LYS A 11 10.35 -10.51 -17.41
C LYS A 11 9.44 -10.46 -16.19
N PHE A 12 8.28 -9.82 -16.35
CA PHE A 12 7.34 -9.72 -15.25
C PHE A 12 6.87 -11.11 -14.82
N GLN A 13 6.54 -11.94 -15.81
CA GLN A 13 6.09 -13.30 -15.52
C GLN A 13 7.17 -14.09 -14.79
N GLN A 14 8.42 -13.85 -15.17
CA GLN A 14 9.54 -14.54 -14.55
C GLN A 14 9.90 -14.08 -13.14
N ASP A 15 10.03 -12.77 -12.96
CA ASP A 15 10.42 -12.21 -11.66
C ASP A 15 9.31 -11.99 -10.65
N GLY A 16 8.12 -11.63 -11.11
CA GLY A 16 7.01 -11.39 -10.20
C GLY A 16 6.88 -9.90 -9.90
N PHE A 17 7.75 -9.11 -10.54
CA PHE A 17 7.76 -7.65 -10.40
C PHE A 17 8.47 -7.07 -11.63
N LEU A 18 8.22 -5.80 -11.93
CA LEU A 18 8.84 -5.17 -13.08
C LEU A 18 9.04 -3.68 -12.83
N VAL A 19 10.25 -3.20 -13.09
CA VAL A 19 10.58 -1.79 -12.91
C VAL A 19 10.46 -1.01 -14.21
N LEU A 20 9.64 0.04 -14.21
CA LEU A 20 9.45 0.88 -15.41
C LEU A 20 9.86 2.31 -15.08
N GLU A 21 11.13 2.63 -15.29
CA GLU A 21 11.62 3.98 -15.01
C GLU A 21 10.94 5.03 -15.89
N GLY A 22 10.82 6.25 -15.36
CA GLY A 22 10.20 7.33 -16.09
C GLY A 22 8.76 7.11 -16.50
N PHE A 23 8.03 6.24 -15.81
CA PHE A 23 6.64 6.01 -16.16
C PHE A 23 5.86 7.31 -16.09
N LEU A 24 6.09 8.08 -15.04
CA LEU A 24 5.43 9.37 -14.86
C LEU A 24 6.48 10.46 -14.94
N SER A 25 6.05 11.67 -15.28
CA SER A 25 6.97 12.80 -15.39
C SER A 25 7.20 13.42 -14.03
N ALA A 26 8.17 14.31 -13.94
CA ALA A 26 8.47 14.98 -12.69
C ALA A 26 7.28 15.85 -12.26
N GLU A 27 6.58 16.44 -13.22
CA GLU A 27 5.45 17.31 -12.91
C GLU A 27 4.30 16.53 -12.30
N GLU A 28 4.09 15.32 -12.78
CA GLU A 28 3.02 14.50 -12.23
C GLU A 28 3.38 14.15 -10.79
N CYS A 29 4.66 13.92 -10.52
CA CYS A 29 5.13 13.60 -9.18
C CYS A 29 4.96 14.81 -8.26
N VAL A 30 5.27 15.99 -8.78
CA VAL A 30 5.11 17.21 -8.00
C VAL A 30 3.63 17.39 -7.65
N ALA A 31 2.75 17.09 -8.60
CA ALA A 31 1.32 17.21 -8.37
C ALA A 31 0.90 16.36 -7.16
N MET A 32 1.39 15.12 -7.09
CA MET A 32 1.05 14.24 -5.98
C MET A 32 1.67 14.75 -4.67
N GLN A 33 2.93 15.14 -4.74
CA GLN A 33 3.63 15.65 -3.56
C GLN A 33 2.91 16.89 -3.03
N GLN A 34 2.55 17.79 -3.92
CA GLN A 34 1.86 19.02 -3.54
C GLN A 34 0.50 18.76 -2.91
N ARG A 35 -0.32 17.92 -3.55
CA ARG A 35 -1.65 17.62 -3.03
C ARG A 35 -1.58 16.92 -1.68
N ILE A 36 -0.70 15.94 -1.54
CA ILE A 36 -0.60 15.23 -0.28
C ILE A 36 -0.20 16.21 0.83
N GLY A 37 0.57 17.24 0.48
CA GLY A 37 0.98 18.22 1.47
C GLY A 37 -0.21 18.98 2.00
N GLU A 38 -1.15 19.30 1.12
CA GLU A 38 -2.37 20.01 1.50
C GLU A 38 -3.25 19.10 2.36
N ILE A 39 -3.32 17.82 1.98
CA ILE A 39 -4.14 16.85 2.71
C ILE A 39 -3.63 16.69 4.14
N VAL A 40 -2.31 16.71 4.31
CA VAL A 40 -1.71 16.58 5.64
C VAL A 40 -1.97 17.84 6.49
N ALA A 41 -1.92 19.00 5.85
CA ALA A 41 -2.14 20.27 6.53
C ALA A 41 -3.55 20.37 7.13
N GLU A 42 -4.53 19.79 6.47
CA GLU A 42 -5.91 19.86 6.96
C GLU A 42 -6.31 18.67 7.81
N MET A 43 -5.37 17.77 8.03
CA MET A 43 -5.62 16.58 8.83
C MET A 43 -5.96 16.87 10.28
N ASP A 44 -6.85 16.05 10.83
CA ASP A 44 -7.23 16.14 12.23
C ASP A 44 -6.66 14.90 12.88
N VAL A 45 -5.97 15.05 13.99
CA VAL A 45 -5.43 13.89 14.67
C VAL A 45 -6.63 13.04 15.03
N PRO A 46 -6.59 11.74 14.71
CA PRO A 46 -7.69 10.80 14.99
C PRO A 46 -8.05 10.76 16.47
N LEU A 47 -9.32 10.56 16.76
CA LEU A 47 -9.83 10.49 18.13
C LEU A 47 -8.93 9.63 19.02
N HIS A 48 -8.66 8.39 18.63
CA HIS A 48 -7.83 7.50 19.44
C HIS A 48 -6.40 7.98 19.65
N CYS A 49 -5.94 8.91 18.82
CA CYS A 49 -4.58 9.43 18.98
C CYS A 49 -4.54 10.73 19.78
N ARG A 50 -5.71 11.23 20.16
CA ARG A 50 -5.78 12.48 20.93
C ARG A 50 -5.57 12.22 22.40
N THR A 51 -6.34 11.28 22.93
CA THR A 51 -6.25 10.94 24.34
C THR A 51 -5.04 10.05 24.60
N GLU A 52 -4.30 10.37 25.67
CA GLU A 52 -3.13 9.58 26.03
C GLU A 52 -3.61 8.51 27.02
N PHE A 53 -2.80 7.47 27.20
CA PHE A 53 -3.20 6.39 28.11
C PHE A 53 -2.21 6.15 29.25
N SER A 54 -2.68 5.46 30.28
CA SER A 54 -1.86 5.13 31.43
C SER A 54 -2.07 3.66 31.78
N THR A 55 -3.33 3.26 31.92
CA THR A 55 -3.67 1.88 32.24
C THR A 55 -4.07 1.15 30.96
N GLN A 56 -4.14 -0.17 31.04
CA GLN A 56 -4.54 -0.97 29.88
C GLN A 56 -6.01 -0.69 29.61
N GLU A 57 -6.74 -0.36 30.66
CA GLU A 57 -8.15 -0.04 30.54
C GLU A 57 -8.32 0.96 29.40
N GLU A 58 -7.30 1.78 29.20
CA GLU A 58 -7.32 2.80 28.16
C GLU A 58 -6.47 2.35 26.96
N GLU A 59 -5.20 2.05 27.22
CA GLU A 59 -4.31 1.61 26.15
C GLU A 59 -4.99 0.56 25.27
N GLN A 60 -5.88 -0.23 25.87
CA GLN A 60 -6.60 -1.26 25.12
C GLN A 60 -7.71 -0.63 24.30
N LEU A 61 -8.44 0.30 24.90
CA LEU A 61 -9.53 0.98 24.21
C LEU A 61 -8.97 1.81 23.06
N ARG A 62 -7.71 2.22 23.19
CA ARG A 62 -7.05 3.01 22.16
C ARG A 62 -6.76 2.13 20.96
N ALA A 63 -6.23 0.94 21.23
CA ALA A 63 -5.91 -0.01 20.18
C ALA A 63 -7.18 -0.48 19.48
N GLN A 64 -8.31 -0.43 20.18
CA GLN A 64 -9.57 -0.86 19.59
C GLN A 64 -10.11 0.20 18.65
N GLY A 65 -10.14 1.45 19.12
CA GLY A 65 -10.63 2.54 18.29
C GLY A 65 -9.76 2.59 17.05
N SER A 66 -8.46 2.39 17.24
CA SER A 66 -7.50 2.38 16.15
C SER A 66 -7.88 1.30 15.14
N THR A 67 -8.22 0.11 15.64
CA THR A 67 -8.61 -1.00 14.77
C THR A 67 -9.85 -0.64 13.97
N ASP A 68 -10.83 -0.06 14.65
CA ASP A 68 -12.07 0.33 13.98
C ASP A 68 -11.76 1.41 12.95
N TYR A 69 -10.88 2.33 13.30
CA TYR A 69 -10.46 3.40 12.40
C TYR A 69 -9.90 2.78 11.12
N PHE A 70 -9.02 1.81 11.28
CA PHE A 70 -8.40 1.11 10.15
C PHE A 70 -9.42 0.33 9.33
N LEU A 71 -10.19 -0.52 10.01
CA LEU A 71 -11.17 -1.37 9.35
C LEU A 71 -12.21 -0.66 8.50
N SER A 72 -12.55 0.58 8.86
CA SER A 72 -13.52 1.31 8.06
C SER A 72 -12.87 2.41 7.21
N SER A 73 -11.61 2.21 6.81
CA SER A 73 -10.90 3.19 6.00
C SER A 73 -10.82 2.78 4.53
N GLY A 74 -11.50 1.69 4.19
CA GLY A 74 -11.47 1.20 2.82
C GLY A 74 -11.93 2.22 1.80
N ASP A 75 -12.92 3.04 2.16
CA ASP A 75 -13.43 4.04 1.24
C ASP A 75 -13.22 5.46 1.78
N LYS A 76 -12.17 5.64 2.58
CA LYS A 76 -11.88 6.94 3.15
C LYS A 76 -10.44 7.34 2.86
N ILE A 77 -10.06 8.50 3.36
CA ILE A 77 -8.71 9.03 3.24
C ILE A 77 -8.30 9.28 4.68
N ARG A 78 -7.62 8.31 5.30
CA ARG A 78 -7.21 8.45 6.69
C ARG A 78 -5.72 8.37 6.92
N PHE A 79 -5.30 8.69 8.15
CA PHE A 79 -3.90 8.73 8.52
C PHE A 79 -3.49 7.67 9.51
N PHE A 80 -2.38 7.01 9.20
CA PHE A 80 -1.84 5.96 10.01
C PHE A 80 -0.42 6.38 10.36
N PHE A 81 -0.13 6.41 11.66
CA PHE A 81 1.16 6.87 12.15
C PHE A 81 2.19 5.82 12.49
N GLU A 82 3.45 6.25 12.46
CA GLU A 82 4.57 5.38 12.81
C GLU A 82 4.34 4.86 14.22
N LYS A 83 4.49 3.56 14.41
CA LYS A 83 4.30 2.94 15.73
C LYS A 83 5.21 3.47 16.83
N GLY A 84 6.47 3.78 16.49
CA GLY A 84 7.40 4.25 17.50
C GLY A 84 7.60 5.74 17.63
N VAL A 85 6.62 6.54 17.21
CA VAL A 85 6.75 8.00 17.33
C VAL A 85 6.03 8.51 18.56
N PHE A 86 5.57 7.58 19.40
CA PHE A 86 4.87 7.94 20.62
C PHE A 86 5.68 7.54 21.84
N ASP A 87 5.55 8.29 22.92
CA ASP A 87 6.24 7.96 24.16
C ASP A 87 5.45 6.81 24.76
N GLU A 88 5.54 6.60 26.06
CA GLU A 88 4.80 5.48 26.65
C GLU A 88 3.35 5.79 26.97
N LYS A 89 3.03 7.06 27.20
CA LYS A 89 1.65 7.42 27.50
C LYS A 89 0.86 7.67 26.21
N GLY A 90 1.50 7.39 25.09
CA GLY A 90 0.83 7.57 23.80
C GLY A 90 0.88 8.99 23.25
N ASN A 91 1.89 9.75 23.66
CA ASN A 91 2.04 11.13 23.19
C ASN A 91 3.01 11.18 22.00
N PHE A 92 2.72 12.05 21.04
CA PHE A 92 3.60 12.19 19.88
C PHE A 92 4.93 12.79 20.30
N LEU A 93 6.03 12.20 19.83
CA LEU A 93 7.36 12.70 20.15
C LEU A 93 7.70 13.89 19.24
N VAL A 94 7.04 13.94 18.08
CA VAL A 94 7.21 15.03 17.12
C VAL A 94 5.83 15.37 16.55
N PRO A 95 5.70 16.51 15.87
CA PRO A 95 4.38 16.85 15.33
C PRO A 95 3.77 15.69 14.55
N PRO A 96 2.46 15.48 14.71
CA PRO A 96 1.75 14.41 14.01
C PRO A 96 1.96 14.48 12.49
N GLU A 97 2.02 15.69 11.95
CA GLU A 97 2.21 15.87 10.52
C GLU A 97 3.58 15.42 10.02
N LYS A 98 4.47 15.10 10.95
CA LYS A 98 5.79 14.62 10.59
C LYS A 98 5.91 13.18 11.04
N SER A 99 4.81 12.64 11.54
CA SER A 99 4.77 11.27 12.05
C SER A 99 3.97 10.30 11.19
N ILE A 100 3.34 10.81 10.15
CA ILE A 100 2.51 9.96 9.29
C ILE A 100 3.29 8.91 8.53
N ASN A 101 2.95 7.66 8.74
CA ASN A 101 3.62 6.57 8.03
C ASN A 101 2.97 6.42 6.65
N LYS A 102 1.65 6.41 6.60
CA LYS A 102 0.94 6.27 5.34
C LYS A 102 -0.45 6.86 5.42
N ILE A 103 -1.03 7.11 4.25
CA ILE A 103 -2.39 7.62 4.17
C ILE A 103 -3.17 6.71 3.22
N GLY A 104 -4.38 6.34 3.61
CA GLY A 104 -5.24 5.52 2.77
C GLY A 104 -6.64 5.38 3.33
N HIS A 105 -7.54 4.83 2.53
CA HIS A 105 -7.17 3.83 1.53
C HIS A 105 -7.87 4.12 0.20
N ALA A 106 -8.56 5.24 0.13
CA ALA A 106 -9.28 5.59 -1.09
C ALA A 106 -8.87 6.92 -1.72
N LEU A 107 -7.58 7.21 -1.71
CA LEU A 107 -7.09 8.43 -2.33
C LEU A 107 -7.53 8.40 -3.80
N HIS A 108 -7.45 7.21 -4.40
CA HIS A 108 -7.81 7.01 -5.81
C HIS A 108 -9.24 7.38 -6.15
N ALA A 109 -10.11 7.44 -5.15
CA ALA A 109 -11.51 7.77 -5.37
C ALA A 109 -11.96 9.13 -4.84
N HIS A 110 -11.41 9.57 -3.72
CA HIS A 110 -11.83 10.83 -3.12
C HIS A 110 -10.95 12.04 -3.33
N ASP A 111 -9.87 11.89 -4.09
CA ASP A 111 -9.00 13.03 -4.37
C ASP A 111 -8.82 13.12 -5.87
N PRO A 112 -9.18 14.26 -6.47
CA PRO A 112 -9.07 14.51 -7.92
C PRO A 112 -7.67 14.25 -8.49
N VAL A 113 -6.64 14.69 -7.80
CA VAL A 113 -5.28 14.49 -8.32
C VAL A 113 -4.92 13.02 -8.38
N PHE A 114 -5.03 12.31 -7.26
CA PHE A 114 -4.68 10.90 -7.27
C PHE A 114 -5.62 10.08 -8.15
N LYS A 115 -6.90 10.43 -8.13
CA LYS A 115 -7.87 9.72 -8.97
C LYS A 115 -7.49 9.87 -10.43
N SER A 116 -7.19 11.10 -10.84
CA SER A 116 -6.83 11.35 -12.24
C SER A 116 -5.56 10.60 -12.62
N ILE A 117 -4.62 10.50 -11.70
CA ILE A 117 -3.37 9.80 -11.98
C ILE A 117 -3.62 8.29 -12.06
N THR A 118 -4.53 7.81 -11.23
CA THR A 118 -4.84 6.39 -11.18
C THR A 118 -5.49 5.89 -12.46
N HIS A 119 -6.40 6.69 -13.02
CA HIS A 119 -7.10 6.31 -14.24
C HIS A 119 -6.51 6.94 -15.51
N SER A 120 -5.28 7.42 -15.43
CA SER A 120 -4.67 8.06 -16.59
C SER A 120 -4.56 7.13 -17.80
N PHE A 121 -4.23 7.72 -18.94
CA PHE A 121 -4.06 7.00 -20.20
C PHE A 121 -2.95 5.99 -20.03
N LYS A 122 -1.82 6.44 -19.50
CA LYS A 122 -0.68 5.58 -19.29
C LYS A 122 -1.00 4.33 -18.47
N VAL A 123 -1.76 4.49 -17.39
CA VAL A 123 -2.11 3.36 -16.54
C VAL A 123 -3.13 2.41 -17.20
N GLN A 124 -4.05 2.96 -17.98
CA GLN A 124 -5.05 2.11 -18.62
C GLN A 124 -4.42 1.25 -19.72
N THR A 125 -3.49 1.82 -20.46
CA THR A 125 -2.86 1.07 -21.54
C THR A 125 -1.97 -0.02 -20.96
N LEU A 126 -1.22 0.29 -19.90
CA LEU A 126 -0.38 -0.71 -19.28
C LEU A 126 -1.28 -1.87 -18.84
N ALA A 127 -2.41 -1.55 -18.24
CA ALA A 127 -3.34 -2.57 -17.78
C ALA A 127 -3.84 -3.40 -18.96
N ARG A 128 -4.17 -2.72 -20.06
CA ARG A 128 -4.65 -3.40 -21.25
C ARG A 128 -3.54 -4.31 -21.76
N SER A 129 -2.34 -3.78 -21.88
CA SER A 129 -1.20 -4.56 -22.35
C SER A 129 -0.93 -5.76 -21.46
N LEU A 130 -1.56 -5.78 -20.28
CA LEU A 130 -1.39 -6.90 -19.35
C LEU A 130 -2.58 -7.84 -19.50
N GLY A 131 -3.48 -7.49 -20.42
CA GLY A 131 -4.63 -8.31 -20.68
C GLY A 131 -5.70 -8.28 -19.61
N LEU A 132 -5.70 -7.25 -18.79
CA LEU A 132 -6.70 -7.15 -17.73
C LEU A 132 -8.08 -6.97 -18.36
N GLN A 133 -9.03 -7.80 -17.92
CA GLN A 133 -10.39 -7.75 -18.45
C GLN A 133 -11.25 -6.70 -17.75
N MET A 134 -11.61 -7.00 -16.51
CA MET A 134 -12.42 -6.08 -15.74
C MET A 134 -11.69 -5.66 -14.47
N PRO A 135 -10.60 -4.90 -14.64
CA PRO A 135 -9.80 -4.42 -13.51
C PRO A 135 -10.52 -3.34 -12.70
N VAL A 136 -10.54 -3.51 -11.39
CA VAL A 136 -11.15 -2.53 -10.49
C VAL A 136 -10.07 -2.17 -9.47
N VAL A 137 -10.16 -0.96 -8.93
CA VAL A 137 -9.19 -0.48 -7.95
C VAL A 137 -9.71 -0.84 -6.56
N VAL A 138 -9.01 -1.75 -5.88
CA VAL A 138 -9.45 -2.18 -4.55
C VAL A 138 -8.94 -1.31 -3.40
N GLN A 139 -7.80 -0.67 -3.59
CA GLN A 139 -7.24 0.19 -2.55
C GLN A 139 -6.10 1.04 -3.10
N SER A 140 -5.74 2.08 -2.35
CA SER A 140 -4.64 2.96 -2.73
C SER A 140 -4.04 3.54 -1.44
N MET A 141 -2.74 3.81 -1.46
CA MET A 141 -2.05 4.36 -0.30
C MET A 141 -0.94 5.31 -0.72
N TYR A 142 -0.59 6.22 0.18
CA TYR A 142 0.52 7.14 -0.06
C TYR A 142 1.46 6.78 1.09
N ILE A 143 2.68 6.39 0.75
CA ILE A 143 3.64 5.98 1.77
C ILE A 143 4.76 7.00 1.85
N PHE A 144 4.95 7.54 3.05
CA PHE A 144 5.95 8.58 3.27
C PHE A 144 7.40 8.16 3.46
N LYS A 145 7.65 7.18 4.33
CA LYS A 145 9.01 6.77 4.64
C LYS A 145 9.71 8.00 5.17
N GLN A 146 9.21 8.53 6.29
CA GLN A 146 9.78 9.72 6.91
C GLN A 146 11.27 9.55 7.12
N PRO A 147 12.02 10.65 7.12
CA PRO A 147 13.47 10.57 7.31
C PRO A 147 13.82 9.95 8.67
N HIS A 148 14.94 9.26 8.72
CA HIS A 148 15.44 8.65 9.96
C HIS A 148 14.65 7.55 10.65
N PHE A 149 13.33 7.65 10.71
CA PHE A 149 12.57 6.58 11.35
C PHE A 149 11.51 5.96 10.44
N GLY A 150 11.46 6.41 9.19
CA GLY A 150 10.49 5.87 8.25
C GLY A 150 10.47 4.38 8.42
N GLY A 151 9.36 3.88 8.94
CA GLY A 151 9.21 2.46 9.22
C GLY A 151 9.54 1.45 8.14
N GLU A 152 10.20 0.37 8.54
CA GLU A 152 10.51 -0.68 7.58
C GLU A 152 9.17 -1.38 7.31
N VAL A 153 9.10 -2.11 6.18
CA VAL A 153 7.92 -2.87 5.83
C VAL A 153 8.49 -4.28 5.74
N SER A 154 8.08 -5.15 6.65
CA SER A 154 8.62 -6.51 6.65
C SER A 154 8.15 -7.35 5.46
N PRO A 155 8.91 -8.41 5.14
CA PRO A 155 8.63 -9.33 4.03
C PRO A 155 7.18 -9.76 3.99
N HIS A 156 6.59 -9.73 2.81
CA HIS A 156 5.21 -10.11 2.67
C HIS A 156 4.79 -10.28 1.22
N GLN A 157 3.55 -10.73 1.04
CA GLN A 157 2.94 -10.93 -0.28
C GLN A 157 1.63 -10.16 -0.17
N ASP A 158 1.31 -9.36 -1.16
CA ASP A 158 0.08 -8.57 -1.08
C ASP A 158 -1.19 -9.40 -1.01
N ALA A 159 -1.19 -10.56 -1.65
CA ALA A 159 -2.36 -11.45 -1.66
C ALA A 159 -2.70 -11.92 -0.24
N SER A 160 -1.75 -11.76 0.68
CA SER A 160 -1.97 -12.14 2.07
C SER A 160 -3.05 -11.25 2.67
N PHE A 161 -3.12 -10.01 2.21
CA PHE A 161 -4.11 -9.06 2.71
C PHE A 161 -5.26 -8.86 1.74
N LEU A 162 -4.96 -8.99 0.44
CA LEU A 162 -5.95 -8.82 -0.61
C LEU A 162 -6.12 -10.20 -1.27
N TYR A 163 -6.67 -11.12 -0.50
CA TYR A 163 -6.86 -12.49 -0.95
C TYR A 163 -8.07 -12.63 -1.85
N THR A 164 -7.96 -13.52 -2.84
CA THR A 164 -9.03 -13.78 -3.78
C THR A 164 -8.95 -15.22 -4.28
N GLU A 165 -9.96 -15.62 -5.05
CA GLU A 165 -10.01 -16.94 -5.64
C GLU A 165 -10.35 -16.83 -7.12
N PRO A 166 -9.45 -17.27 -7.99
CA PRO A 166 -8.17 -17.86 -7.59
C PRO A 166 -7.15 -16.76 -7.32
N LEU A 167 -5.91 -17.16 -7.07
CA LEU A 167 -4.84 -16.19 -6.84
C LEU A 167 -4.42 -15.72 -8.22
N GLY A 168 -3.38 -14.89 -8.28
CA GLY A 168 -2.94 -14.37 -9.55
C GLY A 168 -3.91 -13.35 -10.15
N ARG A 169 -4.81 -12.82 -9.31
CA ARG A 169 -5.80 -11.84 -9.79
C ARG A 169 -5.61 -10.44 -9.19
N VAL A 170 -4.63 -10.28 -8.31
CA VAL A 170 -4.38 -8.97 -7.68
C VAL A 170 -3.01 -8.46 -8.09
N LEU A 171 -2.96 -7.23 -8.55
CA LEU A 171 -1.72 -6.61 -8.99
C LEU A 171 -1.48 -5.28 -8.29
N GLY A 172 -0.23 -5.01 -7.93
CA GLY A 172 0.10 -3.76 -7.27
C GLY A 172 0.88 -2.79 -8.14
N VAL A 173 0.51 -1.52 -8.10
CA VAL A 173 1.21 -0.48 -8.85
C VAL A 173 1.85 0.42 -7.79
N TRP A 174 3.16 0.55 -7.85
CA TRP A 174 3.93 1.33 -6.89
C TRP A 174 4.68 2.42 -7.64
N ILE A 175 4.41 3.68 -7.30
CA ILE A 175 5.02 4.81 -7.97
C ILE A 175 5.87 5.67 -7.06
N ALA A 176 7.11 5.88 -7.47
CA ALA A 176 8.04 6.69 -6.70
C ALA A 176 7.76 8.18 -6.93
N VAL A 177 7.38 8.89 -5.87
CA VAL A 177 7.11 10.31 -5.99
C VAL A 177 8.46 11.03 -5.90
N GLU A 178 9.35 10.44 -5.12
CA GLU A 178 10.71 10.96 -4.93
C GLU A 178 11.63 9.79 -5.26
N ASP A 179 12.92 10.07 -5.37
CA ASP A 179 13.90 9.03 -5.65
C ASP A 179 13.95 8.02 -4.50
N ALA A 180 14.00 6.74 -4.85
CA ALA A 180 14.09 5.67 -3.87
C ALA A 180 15.48 5.05 -4.00
N THR A 181 16.24 5.04 -2.91
CA THR A 181 17.58 4.48 -2.94
C THR A 181 17.85 3.43 -1.86
N LEU A 182 19.07 2.90 -1.86
CA LEU A 182 19.46 1.91 -0.88
C LEU A 182 19.49 2.60 0.48
N GLU A 183 19.67 3.92 0.47
CA GLU A 183 19.75 4.68 1.70
C GLU A 183 18.41 5.05 2.34
N ASN A 184 17.40 5.38 1.52
CA ASN A 184 16.11 5.81 2.08
C ASN A 184 14.94 4.83 2.11
N GLY A 185 15.21 3.53 2.04
CA GLY A 185 14.13 2.55 2.12
C GLY A 185 13.50 2.04 0.85
N CYS A 186 14.30 1.87 -0.21
CA CYS A 186 13.79 1.36 -1.46
C CYS A 186 13.26 -0.06 -1.27
N LEU A 187 12.48 -0.53 -2.23
CA LEU A 187 11.93 -1.87 -2.18
C LEU A 187 12.99 -2.94 -2.44
N TRP A 188 12.70 -4.15 -2.00
CA TRP A 188 13.56 -5.31 -2.23
C TRP A 188 12.59 -6.43 -2.61
N PHE A 189 12.96 -7.24 -3.59
CA PHE A 189 12.10 -8.34 -4.01
C PHE A 189 12.91 -9.64 -4.06
N ILE A 190 12.19 -10.75 -3.97
CA ILE A 190 12.81 -12.06 -4.14
C ILE A 190 12.25 -12.49 -5.48
N PRO A 191 13.06 -12.34 -6.55
CA PRO A 191 12.65 -12.71 -7.91
C PRO A 191 12.18 -14.16 -7.97
N GLY A 192 11.07 -14.40 -8.66
CA GLY A 192 10.54 -15.75 -8.80
C GLY A 192 9.87 -16.36 -7.58
N SER A 193 9.52 -15.53 -6.61
CA SER A 193 8.87 -16.03 -5.39
C SER A 193 7.34 -15.95 -5.46
N HIS A 194 6.83 -15.66 -6.64
CA HIS A 194 5.38 -15.50 -6.81
C HIS A 194 4.65 -16.69 -7.43
N THR A 195 5.25 -17.88 -7.44
CA THR A 195 4.59 -19.03 -8.06
C THR A 195 4.18 -20.16 -7.13
N SER A 196 4.18 -19.92 -5.82
CA SER A 196 3.82 -20.99 -4.89
C SER A 196 2.73 -20.58 -3.89
N GLY A 197 1.85 -19.68 -4.31
CA GLY A 197 0.79 -19.23 -3.42
C GLY A 197 1.31 -18.46 -2.21
N VAL A 198 0.45 -18.28 -1.22
CA VAL A 198 0.83 -17.54 -0.02
C VAL A 198 0.83 -18.43 1.22
N SER A 199 1.68 -18.09 2.18
CA SER A 199 1.79 -18.86 3.41
C SER A 199 0.92 -18.28 4.52
N ARG A 200 0.65 -16.98 4.45
CA ARG A 200 -0.15 -16.33 5.48
C ARG A 200 -1.26 -15.46 4.90
N ARG A 201 -2.28 -15.20 5.74
CA ARG A 201 -3.42 -14.37 5.35
C ARG A 201 -3.93 -13.58 6.55
N MET A 202 -4.34 -12.35 6.31
CA MET A 202 -4.89 -11.53 7.38
C MET A 202 -6.40 -11.60 7.21
N VAL A 203 -7.11 -11.74 8.32
CA VAL A 203 -8.56 -11.83 8.29
C VAL A 203 -9.22 -10.94 9.33
N ARG A 204 -10.45 -10.53 9.05
CA ARG A 204 -11.19 -9.68 9.97
C ARG A 204 -12.41 -10.43 10.49
N ALA A 205 -12.78 -10.13 11.74
CA ALA A 205 -13.95 -10.78 12.36
C ALA A 205 -15.17 -10.57 11.47
N PRO A 206 -15.90 -11.66 11.18
CA PRO A 206 -17.11 -11.63 10.34
C PRO A 206 -18.29 -10.99 11.06
N VAL A 207 -19.47 -11.14 10.49
CA VAL A 207 -20.68 -10.59 11.10
C VAL A 207 -20.79 -11.16 12.52
N GLY A 208 -20.96 -10.27 13.49
CA GLY A 208 -21.06 -10.69 14.87
C GLY A 208 -20.21 -9.76 15.71
N SER A 209 -20.20 -8.49 15.31
CA SER A 209 -19.44 -7.46 16.01
C SER A 209 -17.98 -7.89 16.16
N ALA A 210 -17.49 -7.88 17.39
CA ALA A 210 -16.11 -8.26 17.66
C ALA A 210 -15.20 -7.87 16.48
N PRO A 211 -15.12 -6.56 16.19
CA PRO A 211 -14.31 -5.99 15.10
C PRO A 211 -12.81 -6.20 15.34
N GLY A 212 -12.14 -6.79 14.36
CA GLY A 212 -10.71 -7.01 14.52
C GLY A 212 -10.05 -7.80 13.40
N THR A 213 -8.73 -7.89 13.46
CA THR A 213 -7.95 -8.61 12.47
C THR A 213 -7.03 -9.61 13.18
N SER A 214 -6.58 -10.60 12.42
CA SER A 214 -5.69 -11.63 12.94
C SER A 214 -5.16 -12.40 11.74
N PHE A 215 -4.15 -13.23 11.96
CA PHE A 215 -3.57 -14.00 10.87
C PHE A 215 -3.81 -15.49 10.89
N LEU A 216 -3.79 -16.06 9.69
CA LEU A 216 -3.93 -17.48 9.46
C LEU A 216 -2.58 -17.84 8.86
N GLY A 217 -1.97 -18.92 9.34
CA GLY A 217 -0.67 -19.30 8.83
C GLY A 217 0.37 -18.32 9.34
N SER A 218 1.56 -18.32 8.75
CA SER A 218 2.61 -17.41 9.17
C SER A 218 3.68 -17.28 8.11
N GLU A 219 4.35 -16.13 8.09
CA GLU A 219 5.40 -15.91 7.12
C GLU A 219 6.57 -16.82 7.37
N PRO A 220 6.90 -17.66 6.38
CA PRO A 220 8.03 -18.57 6.55
C PRO A 220 9.30 -17.73 6.48
N ALA A 221 10.19 -17.88 7.44
CA ALA A 221 11.43 -17.11 7.41
C ALA A 221 12.12 -17.51 6.12
N ARG A 222 12.61 -16.52 5.38
CA ARG A 222 13.30 -16.78 4.12
C ARG A 222 14.69 -16.18 4.08
N ASP A 223 15.55 -16.76 3.25
CA ASP A 223 16.93 -16.32 3.11
C ASP A 223 17.05 -14.85 2.68
N ASN A 224 17.36 -13.99 3.65
CA ASN A 224 17.52 -12.57 3.41
C ASN A 224 18.40 -12.25 2.21
N SER A 225 19.40 -13.09 1.96
CA SER A 225 20.31 -12.87 0.84
C SER A 225 19.58 -13.05 -0.50
N LEU A 226 18.38 -13.61 -0.45
CA LEU A 226 17.59 -13.82 -1.66
C LEU A 226 16.91 -12.55 -2.18
N PHE A 227 16.91 -11.50 -1.36
CA PHE A 227 16.30 -10.24 -1.75
C PHE A 227 17.20 -9.40 -2.65
N VAL A 228 16.61 -8.84 -3.69
CA VAL A 228 17.32 -7.96 -4.61
C VAL A 228 16.71 -6.57 -4.46
N PRO A 229 17.55 -5.55 -4.27
CA PRO A 229 17.10 -4.17 -4.11
C PRO A 229 16.64 -3.56 -5.42
N THR A 230 15.63 -2.71 -5.37
CA THR A 230 15.16 -2.08 -6.59
C THR A 230 15.05 -0.57 -6.45
N PRO A 231 16.20 0.10 -6.30
CA PRO A 231 16.19 1.56 -6.16
C PRO A 231 15.74 2.11 -7.51
N VAL A 232 14.95 3.19 -7.48
CA VAL A 232 14.45 3.80 -8.71
C VAL A 232 14.43 5.30 -8.59
N GLN A 233 14.39 5.97 -9.73
CA GLN A 233 14.35 7.41 -9.75
C GLN A 233 12.90 7.85 -9.73
N ARG A 234 12.69 9.09 -9.33
CA ARG A 234 11.36 9.69 -9.28
C ARG A 234 10.60 9.41 -10.58
N GLY A 235 9.31 9.10 -10.46
CA GLY A 235 8.50 8.84 -11.64
C GLY A 235 8.44 7.40 -12.10
N ALA A 236 9.28 6.54 -11.53
CA ALA A 236 9.28 5.13 -11.91
C ALA A 236 8.05 4.41 -11.37
N LEU A 237 7.59 3.42 -12.13
CA LEU A 237 6.46 2.61 -11.71
C LEU A 237 7.00 1.18 -11.57
N VAL A 238 6.62 0.53 -10.48
CA VAL A 238 7.06 -0.84 -10.23
C VAL A 238 5.80 -1.69 -10.15
N LEU A 239 5.70 -2.68 -11.04
CA LEU A 239 4.55 -3.56 -11.07
C LEU A 239 4.84 -4.63 -10.03
N ILE A 240 3.84 -4.98 -9.22
CA ILE A 240 4.05 -5.97 -8.18
C ILE A 240 3.00 -7.08 -8.24
N HIS A 241 3.43 -8.27 -8.62
CA HIS A 241 2.53 -9.42 -8.69
C HIS A 241 2.05 -9.71 -7.28
N GLY A 242 0.78 -10.09 -7.13
CA GLY A 242 0.21 -10.37 -5.83
C GLY A 242 0.89 -11.37 -4.90
N GLU A 243 1.69 -12.27 -5.45
CA GLU A 243 2.35 -13.28 -4.64
C GLU A 243 3.86 -13.12 -4.52
N VAL A 244 4.41 -12.07 -5.10
CA VAL A 244 5.86 -11.89 -5.00
C VAL A 244 6.20 -11.36 -3.61
N VAL A 245 7.27 -11.92 -3.03
CA VAL A 245 7.71 -11.52 -1.70
C VAL A 245 8.56 -10.25 -1.82
N HIS A 246 8.16 -9.20 -1.10
CA HIS A 246 8.89 -7.94 -1.12
C HIS A 246 8.88 -7.26 0.25
N LYS A 247 9.85 -6.36 0.45
CA LYS A 247 9.99 -5.65 1.72
C LYS A 247 10.72 -4.34 1.47
N SER A 248 10.85 -3.54 2.51
CA SER A 248 11.58 -2.28 2.41
C SER A 248 12.16 -1.99 3.80
N LYS A 249 13.42 -1.58 3.85
CA LYS A 249 14.09 -1.28 5.11
C LYS A 249 13.71 0.09 5.65
N GLN A 250 14.05 0.34 6.90
CA GLN A 250 13.77 1.62 7.56
C GLN A 250 14.57 2.72 6.85
N ASN A 251 14.00 3.92 6.78
CA ASN A 251 14.66 5.05 6.14
C ASN A 251 15.59 5.72 7.15
N LEU A 252 16.90 5.51 6.99
CA LEU A 252 17.87 6.10 7.89
C LEU A 252 18.49 7.36 7.31
N SER A 253 17.97 7.85 6.18
CA SER A 253 18.52 9.05 5.55
C SER A 253 17.81 10.34 6.00
N ASP A 254 18.27 11.48 5.47
CA ASP A 254 17.68 12.79 5.78
C ASP A 254 16.48 13.09 4.90
N ARG A 255 16.35 12.40 3.79
CA ARG A 255 15.23 12.64 2.88
C ARG A 255 14.15 11.59 3.03
N SER A 256 12.92 11.96 2.71
CA SER A 256 11.82 11.02 2.80
C SER A 256 11.85 10.21 1.51
N ARG A 257 10.96 9.22 1.40
CA ARG A 257 10.90 8.37 0.21
C ARG A 257 9.43 8.15 -0.12
N GLN A 258 8.76 9.25 -0.46
CA GLN A 258 7.34 9.21 -0.78
C GLN A 258 7.00 8.39 -2.02
N ALA A 259 5.92 7.61 -1.91
CA ALA A 259 5.45 6.77 -3.00
C ALA A 259 3.93 6.66 -2.96
N TYR A 260 3.31 6.61 -4.12
CA TYR A 260 1.87 6.45 -4.24
C TYR A 260 1.64 5.04 -4.81
N THR A 261 0.76 4.28 -4.16
CA THR A 261 0.47 2.93 -4.60
C THR A 261 -1.04 2.67 -4.68
N PHE A 262 -1.40 1.70 -5.49
CA PHE A 262 -2.80 1.29 -5.62
C PHE A 262 -2.84 -0.13 -6.16
N HIS A 263 -3.86 -0.89 -5.80
CA HIS A 263 -3.95 -2.26 -6.26
C HIS A 263 -5.19 -2.52 -7.11
N LEU A 264 -4.96 -3.26 -8.19
CA LEU A 264 -6.03 -3.61 -9.11
C LEU A 264 -6.38 -5.07 -8.92
N MET A 265 -7.65 -5.40 -9.13
CA MET A 265 -8.09 -6.78 -9.06
C MET A 265 -8.80 -7.10 -10.37
N GLU A 266 -8.45 -8.23 -10.98
CA GLU A 266 -9.13 -8.66 -12.19
C GLU A 266 -10.45 -9.21 -11.67
N ALA A 267 -11.53 -8.46 -11.87
CA ALA A 267 -12.85 -8.87 -11.39
C ALA A 267 -13.41 -10.02 -12.21
N SER A 268 -12.92 -10.17 -13.43
CA SER A 268 -13.40 -11.22 -14.32
C SER A 268 -13.12 -12.62 -13.79
N GLY A 269 -14.18 -13.33 -13.41
CA GLY A 269 -14.04 -14.68 -12.90
C GLY A 269 -13.19 -14.75 -11.65
N THR A 270 -13.29 -13.73 -10.81
CA THR A 270 -12.53 -13.69 -9.58
C THR A 270 -13.47 -13.42 -8.42
N THR A 271 -13.17 -13.97 -7.26
CA THR A 271 -13.99 -13.73 -6.09
C THR A 271 -13.19 -13.15 -4.94
N TRP A 272 -13.55 -11.94 -4.55
CA TRP A 272 -12.89 -11.24 -3.46
C TRP A 272 -13.26 -11.87 -2.12
N SER A 273 -12.27 -12.42 -1.43
CA SER A 273 -12.51 -13.07 -0.14
C SER A 273 -13.22 -12.19 0.87
N PRO A 274 -14.37 -12.65 1.38
CA PRO A 274 -15.17 -11.92 2.36
C PRO A 274 -14.44 -11.76 3.70
N GLU A 275 -13.31 -12.46 3.85
CA GLU A 275 -12.52 -12.36 5.07
C GLU A 275 -11.45 -11.27 5.02
N ASN A 276 -11.20 -10.70 3.84
CA ASN A 276 -10.22 -9.63 3.72
C ASN A 276 -10.71 -8.48 4.58
N TRP A 277 -9.78 -7.80 5.27
CA TRP A 277 -10.16 -6.69 6.12
C TRP A 277 -10.89 -5.62 5.31
N LEU A 278 -10.46 -5.45 4.06
CA LEU A 278 -11.05 -4.45 3.19
C LEU A 278 -12.19 -5.00 2.35
N GLN A 279 -13.40 -4.51 2.61
CA GLN A 279 -14.58 -4.92 1.87
C GLN A 279 -15.20 -3.68 1.23
N PRO A 280 -15.65 -3.81 -0.02
CA PRO A 280 -16.25 -2.67 -0.72
C PRO A 280 -17.54 -2.22 -0.02
N THR A 281 -17.76 -0.91 0.03
CA THR A 281 -18.97 -0.37 0.65
C THR A 281 -19.98 0.05 -0.43
N ALA A 282 -21.24 0.15 -0.04
CA ALA A 282 -22.29 0.54 -0.99
C ALA A 282 -21.89 1.86 -1.65
N GLU A 283 -21.26 2.73 -0.87
CA GLU A 283 -20.82 4.03 -1.35
C GLU A 283 -19.69 3.88 -2.35
N LEU A 284 -18.71 3.05 -2.02
CA LEU A 284 -17.58 2.87 -2.91
C LEU A 284 -17.26 1.44 -3.33
N PRO A 285 -18.13 0.84 -4.16
CA PRO A 285 -17.80 -0.52 -4.58
C PRO A 285 -16.55 -0.36 -5.44
N PHE A 286 -15.61 -1.31 -5.36
CA PHE A 286 -14.39 -1.20 -6.15
C PHE A 286 -14.70 -0.64 -7.53
N PRO A 287 -14.15 0.56 -7.84
CA PRO A 287 -14.35 1.23 -9.13
C PRO A 287 -13.54 0.64 -10.29
N GLN A 288 -14.09 0.74 -11.49
CA GLN A 288 -13.42 0.25 -12.68
C GLN A 288 -12.23 1.14 -13.01
N LEU A 289 -11.20 0.52 -13.58
CA LEU A 289 -10.00 1.24 -13.96
C LEU A 289 -10.21 1.90 -15.30
N TYR A 290 -10.67 1.09 -16.26
CA TYR A 290 -10.91 1.56 -17.63
C TYR A 290 -11.97 2.65 -17.69
N THR A 291 -11.64 3.69 -18.44
CA THR A 291 -12.52 4.84 -18.60
C THR A 291 -13.15 4.87 -19.99
C1 AKG B . 3.14 -2.35 -1.64
O1 AKG B . 2.58 -1.27 -2.19
O2 AKG B . 2.79 -3.49 -1.95
C2 AKG B . 4.22 -2.18 -0.61
O5 AKG B . 4.63 -3.17 -0.01
C3 AKG B . 4.80 -0.80 -0.29
C4 AKG B . 6.06 -0.92 0.65
C5 AKG B . 6.94 0.31 0.55
O3 AKG B . 6.60 1.31 -0.07
O4 AKG B . 8.11 0.25 1.21
FE FE2 C . 3.27 -4.91 -0.55
#